data_5CSN
#
_entry.id   5CSN
#
_cell.length_a   36.790
_cell.length_b   39.930
_cell.length_c   178.340
_cell.angle_alpha   90.00
_cell.angle_beta   90.00
_cell.angle_gamma   90.00
#
_symmetry.space_group_name_H-M   'P 21 21 21'
#
loop_
_entity.id
_entity.type
_entity.pdbx_description
1 polymer 'Protein S100-B'
2 polymer 'Ribosomal protein S6 kinase alpha-1'
3 non-polymer 'CALCIUM ION'
#
loop_
_entity_poly.entity_id
_entity_poly.type
_entity_poly.pdbx_seq_one_letter_code
_entity_poly.pdbx_strand_id
1 'polypeptide(L)'
;GSHMSELEKAMVALIDVFHQYSGREGDKHKLKKSELKELINNELSHFLEEIKEQEVVDKVMETLDNDGDGECDFQEFMAF
VAMVTTACHEFFEHE
;
A,B
2 'polypeptide(L)' GSQSQLSHQDLQLVKGAMAATYSALNSSKPTPQLKPIESS C
#
loop_
_chem_comp.id
_chem_comp.type
_chem_comp.name
_chem_comp.formula
CA non-polymer 'CALCIUM ION' 'Ca 2'
#
# COMPACT_ATOMS: atom_id res chain seq x y z
N GLY A 1 15.32 -12.44 1.77
CA GLY A 1 16.03 -13.23 2.76
C GLY A 1 15.09 -13.95 3.71
N SER A 2 15.64 -14.57 4.74
CA SER A 2 14.82 -15.28 5.70
C SER A 2 14.26 -14.36 6.79
N HIS A 3 14.93 -13.23 7.02
CA HIS A 3 14.40 -12.23 7.93
C HIS A 3 13.23 -11.52 7.26
N MET A 4 12.27 -11.08 8.07
CA MET A 4 11.25 -10.15 7.59
C MET A 4 11.91 -8.93 6.95
N SER A 5 11.54 -8.62 5.72
CA SER A 5 12.16 -7.50 5.02
C SER A 5 11.59 -6.19 5.52
N GLU A 6 12.24 -5.09 5.14
CA GLU A 6 11.72 -3.76 5.43
C GLU A 6 10.35 -3.58 4.80
N LEU A 7 10.22 -4.03 3.56
CA LEU A 7 8.95 -4.00 2.85
C LEU A 7 7.86 -4.75 3.62
N GLU A 8 8.18 -5.96 4.08
CA GLU A 8 7.17 -6.79 4.73
C GLU A 8 6.77 -6.24 6.09
N LYS A 9 7.71 -5.59 6.78
CA LYS A 9 7.41 -5.00 8.09
C LYS A 9 6.70 -3.66 7.92
N ALA A 10 6.90 -3.04 6.77
CA ALA A 10 6.17 -1.83 6.42
C ALA A 10 4.68 -2.17 6.27
N MET A 11 4.43 -3.24 5.52
CA MET A 11 3.06 -3.72 5.28
C MET A 11 2.38 -4.04 6.62
N VAL A 12 3.08 -4.75 7.49
CA VAL A 12 2.58 -5.06 8.83
C VAL A 12 2.22 -3.78 9.59
N ALA A 13 3.05 -2.75 9.44
CA ALA A 13 2.85 -1.52 10.17
C ALA A 13 1.58 -0.82 9.69
N LEU A 14 1.28 -0.95 8.40
CA LEU A 14 0.05 -0.38 7.86
C LEU A 14 -1.15 -1.04 8.51
N ILE A 15 -1.08 -2.36 8.63
CA ILE A 15 -2.10 -3.16 9.29
C ILE A 15 -2.25 -2.81 10.77
N ASP A 16 -1.12 -2.61 11.45
CA ASP A 16 -1.13 -2.36 12.88
C ASP A 16 -1.71 -1.00 13.23
N VAL A 17 -1.34 0.02 12.45
CA VAL A 17 -1.82 1.38 12.72
C VAL A 17 -3.33 1.45 12.48
N PHE A 18 -3.83 0.66 11.54
CA PHE A 18 -5.26 0.62 11.26
C PHE A 18 -6.01 0.05 12.45
N HIS A 19 -5.57 -1.10 12.94
CA HIS A 19 -6.23 -1.75 14.06
C HIS A 19 -6.05 -0.94 15.34
N GLN A 20 -4.93 -0.23 15.42
CA GLN A 20 -4.66 0.66 16.54
C GLN A 20 -5.71 1.75 16.72
N TYR A 21 -6.30 2.18 15.61
CA TYR A 21 -7.28 3.27 15.64
C TYR A 21 -8.71 2.83 15.41
N SER A 22 -8.91 1.80 14.57
CA SER A 22 -10.27 1.32 14.31
C SER A 22 -10.86 0.60 15.51
N GLY A 23 -10.00 0.12 16.41
CA GLY A 23 -10.44 -0.64 17.57
C GLY A 23 -10.91 0.23 18.72
N ARG A 24 -10.80 1.55 18.55
CA ARG A 24 -11.01 2.48 19.66
C ARG A 24 -12.50 2.62 19.99
N GLU A 25 -13.27 3.10 19.01
CA GLU A 25 -14.70 3.32 19.22
C GLU A 25 -15.55 2.55 18.20
N GLY A 26 -16.66 2.02 18.69
CA GLY A 26 -17.62 1.32 17.85
C GLY A 26 -17.06 0.08 17.18
N ASP A 27 -17.30 -0.04 15.88
CA ASP A 27 -16.81 -1.17 15.10
C ASP A 27 -15.29 -1.19 15.16
N LYS A 28 -14.72 -2.27 15.69
CA LYS A 28 -13.27 -2.34 15.89
C LYS A 28 -12.50 -2.58 14.60
N HIS A 29 -13.21 -2.84 13.52
CA HIS A 29 -12.60 -3.17 12.24
C HIS A 29 -12.78 -2.06 11.19
N LYS A 30 -13.36 -0.94 11.61
CA LYS A 30 -13.58 0.19 10.72
C LYS A 30 -13.27 1.50 11.43
N LEU A 31 -12.94 2.53 10.66
CA LEU A 31 -12.71 3.85 11.22
C LEU A 31 -13.89 4.82 11.04
N LYS A 32 -14.54 5.16 12.15
CA LYS A 32 -15.49 6.27 12.16
C LYS A 32 -14.72 7.57 12.01
N LYS A 33 -15.43 8.66 11.73
CA LYS A 33 -14.78 9.95 11.52
C LYS A 33 -13.93 10.32 12.74
N SER A 34 -14.46 9.99 13.92
CA SER A 34 -13.76 10.17 15.18
C SER A 34 -12.36 9.57 15.16
N GLU A 35 -12.30 8.30 14.76
CA GLU A 35 -11.05 7.54 14.76
C GLU A 35 -10.10 7.94 13.63
N LEU A 36 -10.66 8.27 12.48
CA LEU A 36 -9.89 8.75 11.34
C LEU A 36 -9.09 10.01 11.69
N LYS A 37 -9.76 10.95 12.35
CA LYS A 37 -9.16 12.21 12.76
C LYS A 37 -7.92 12.00 13.65
N GLU A 38 -8.03 11.14 14.63
CA GLU A 38 -6.93 10.86 15.54
C GLU A 38 -5.73 10.24 14.80
N LEU A 39 -6.01 9.28 13.93
CA LEU A 39 -4.96 8.62 13.14
C LEU A 39 -4.11 9.63 12.35
N ILE A 40 -4.79 10.41 11.50
CA ILE A 40 -4.15 11.45 10.70
C ILE A 40 -3.33 12.45 11.51
N ASN A 41 -3.94 12.97 12.57
CA ASN A 41 -3.32 14.01 13.37
C ASN A 41 -2.13 13.54 14.21
N ASN A 42 -2.16 12.28 14.63
CA ASN A 42 -1.09 11.75 15.46
C ASN A 42 -0.01 11.03 14.66
N GLU A 43 -0.40 10.40 13.56
CA GLU A 43 0.53 9.55 12.82
C GLU A 43 0.92 10.10 11.45
N LEU A 44 0.19 11.09 10.94
CA LEU A 44 0.53 11.72 9.67
C LEU A 44 0.85 13.22 9.81
N SER A 45 1.40 13.59 10.96
CA SER A 45 1.65 15.00 11.28
C SER A 45 2.81 15.64 10.51
N HIS A 46 3.43 14.89 9.61
CA HIS A 46 4.49 15.46 8.77
C HIS A 46 4.17 15.49 7.27
N PHE A 47 3.16 14.75 6.85
CA PHE A 47 2.82 14.68 5.43
C PHE A 47 1.56 15.49 5.10
N LEU A 48 0.60 15.48 6.02
CA LEU A 48 -0.67 16.17 5.79
C LEU A 48 -0.90 17.26 6.83
N GLU A 49 -1.50 18.37 6.40
CA GLU A 49 -1.82 19.47 7.29
C GLU A 49 -2.86 19.02 8.31
N GLU A 50 -2.67 19.43 9.56
CA GLU A 50 -3.56 19.08 10.66
C GLU A 50 -5.02 19.41 10.35
N ILE A 51 -5.91 18.54 10.80
CA ILE A 51 -7.35 18.73 10.66
C ILE A 51 -7.96 19.28 11.95
N LYS A 52 -8.64 20.42 11.85
CA LYS A 52 -9.26 21.03 13.01
C LYS A 52 -10.69 21.45 12.71
N GLU A 53 -11.05 21.40 11.43
CA GLU A 53 -12.42 21.61 10.98
C GLU A 53 -13.19 20.34 10.67
N GLN A 54 -14.42 20.26 11.18
CA GLN A 54 -15.25 19.07 10.97
C GLN A 54 -15.58 18.95 9.49
N GLU A 55 -15.70 20.09 8.83
CA GLU A 55 -15.99 20.15 7.40
C GLU A 55 -14.94 19.40 6.60
N VAL A 56 -13.67 19.53 6.99
CA VAL A 56 -12.58 18.84 6.33
C VAL A 56 -12.72 17.32 6.39
N VAL A 57 -12.99 16.79 7.58
CA VAL A 57 -13.10 15.35 7.79
C VAL A 57 -14.33 14.74 7.10
N ASP A 58 -15.40 15.54 7.01
CA ASP A 58 -16.59 15.16 6.26
C ASP A 58 -16.32 14.89 4.79
N LYS A 59 -15.57 15.77 4.16
CA LYS A 59 -15.31 15.70 2.72
C LYS A 59 -14.38 14.56 2.37
N VAL A 60 -13.36 14.36 3.20
CA VAL A 60 -12.40 13.27 3.05
C VAL A 60 -13.01 11.87 3.14
N MET A 61 -13.87 11.65 4.13
CA MET A 61 -14.52 10.34 4.28
C MET A 61 -15.40 10.02 3.07
N GLU A 62 -16.08 11.03 2.54
CA GLU A 62 -16.91 10.88 1.36
C GLU A 62 -16.11 10.39 0.15
N THR A 63 -14.93 10.97 -0.03
CA THR A 63 -14.03 10.63 -1.13
C THR A 63 -13.37 9.26 -0.97
N LEU A 64 -13.11 8.87 0.27
CA LEU A 64 -12.44 7.61 0.56
C LEU A 64 -13.41 6.43 0.40
N ASP A 65 -14.68 6.70 0.66
CA ASP A 65 -15.72 5.67 0.70
C ASP A 65 -16.25 5.33 -0.69
N ASN A 66 -15.90 4.15 -1.18
CA ASN A 66 -16.27 3.72 -2.53
C ASN A 66 -17.41 2.72 -2.48
N ASP A 67 -17.59 2.07 -1.34
CA ASP A 67 -18.68 1.12 -1.18
C ASP A 67 -19.89 1.82 -0.56
N GLY A 68 -19.71 3.09 -0.21
CA GLY A 68 -20.79 3.95 0.24
C GLY A 68 -21.48 3.60 1.56
N ASP A 69 -20.70 3.35 2.61
CA ASP A 69 -21.31 3.09 3.92
C ASP A 69 -20.92 4.14 4.96
N GLY A 70 -20.16 5.13 4.54
CA GLY A 70 -19.76 6.24 5.38
C GLY A 70 -18.63 6.02 6.36
N GLU A 71 -17.87 4.93 6.19
CA GLU A 71 -16.76 4.64 7.09
C GLU A 71 -15.61 4.04 6.30
N CYS A 72 -14.42 3.99 6.88
CA CYS A 72 -13.26 3.46 6.17
C CYS A 72 -12.79 2.10 6.68
N ASP A 73 -13.00 1.05 5.88
CA ASP A 73 -12.50 -0.27 6.22
C ASP A 73 -11.06 -0.35 5.76
N PHE A 74 -10.41 -1.50 5.95
CA PHE A 74 -8.98 -1.63 5.66
C PHE A 74 -8.71 -1.49 4.17
N GLN A 75 -9.57 -2.08 3.36
CA GLN A 75 -9.44 -2.05 1.91
C GLN A 75 -9.45 -0.61 1.39
N GLU A 76 -10.39 0.18 1.90
CA GLU A 76 -10.50 1.59 1.53
C GLU A 76 -9.33 2.41 2.07
N PHE A 77 -8.84 2.00 3.23
CA PHE A 77 -7.67 2.61 3.87
C PHE A 77 -6.39 2.39 3.07
N MET A 78 -6.22 1.21 2.48
CA MET A 78 -5.04 0.97 1.65
C MET A 78 -5.03 1.87 0.44
N ALA A 79 -6.21 2.11 -0.15
CA ALA A 79 -6.33 3.06 -1.24
C ALA A 79 -5.86 4.44 -0.81
N PHE A 80 -6.30 4.85 0.38
CA PHE A 80 -5.87 6.13 0.95
C PHE A 80 -4.37 6.22 1.14
N VAL A 81 -3.78 5.20 1.77
CA VAL A 81 -2.34 5.11 1.93
C VAL A 81 -1.59 5.15 0.60
N ALA A 82 -2.09 4.41 -0.38
CA ALA A 82 -1.53 4.40 -1.73
C ALA A 82 -1.53 5.80 -2.32
N MET A 83 -2.64 6.50 -2.13
CA MET A 83 -2.88 7.82 -2.68
C MET A 83 -1.91 8.83 -2.08
N VAL A 84 -1.85 8.85 -0.76
CA VAL A 84 -0.96 9.75 -0.01
C VAL A 84 0.52 9.52 -0.36
N THR A 85 0.93 8.26 -0.40
CA THR A 85 2.32 7.89 -0.67
C THR A 85 2.77 8.35 -2.06
N THR A 86 1.91 8.13 -3.06
CA THR A 86 2.19 8.52 -4.44
C THR A 86 2.48 10.02 -4.54
N ALA A 87 1.67 10.80 -3.85
CA ALA A 87 1.80 12.26 -3.83
C ALA A 87 3.16 12.67 -3.25
N CYS A 88 3.59 11.99 -2.20
CA CYS A 88 4.88 12.24 -1.58
C CYS A 88 6.04 11.89 -2.51
N HIS A 89 5.84 10.88 -3.36
CA HIS A 89 6.85 10.45 -4.31
C HIS A 89 7.04 11.57 -5.34
N GLU A 90 5.92 12.06 -5.87
CA GLU A 90 5.87 13.11 -6.89
C GLU A 90 6.55 14.40 -6.41
N PHE A 91 6.43 14.66 -5.11
CA PHE A 91 7.02 15.82 -4.43
C PHE A 91 8.42 15.53 -3.85
N PHE A 92 9.18 14.70 -4.56
CA PHE A 92 10.55 14.36 -4.17
C PHE A 92 11.39 14.28 -5.44
N GLU A 93 10.70 14.25 -6.58
CA GLU A 93 11.36 14.18 -7.87
C GLU A 93 10.80 15.28 -8.77
N HIS A 94 10.31 16.34 -8.11
CA HIS A 94 9.81 17.52 -8.80
C HIS A 94 10.06 18.78 -7.98
N SER B 2 5.99 14.82 18.30
CA SER B 2 6.72 15.42 17.18
C SER B 2 7.98 14.62 16.86
N HIS B 3 7.78 13.52 16.15
CA HIS B 3 8.83 12.66 15.61
C HIS B 3 8.08 11.66 14.77
N MET B 4 8.30 11.73 13.45
CA MET B 4 7.88 10.73 12.46
C MET B 4 7.32 9.42 12.99
N SER B 5 6.11 9.10 12.54
CA SER B 5 5.41 7.89 12.97
C SER B 5 5.88 6.63 12.26
N GLU B 6 5.45 5.49 12.80
CA GLU B 6 5.67 4.20 12.17
C GLU B 6 5.02 4.19 10.79
N LEU B 7 3.80 4.73 10.72
CA LEU B 7 3.06 4.88 9.48
C LEU B 7 3.87 5.68 8.46
N GLU B 8 4.42 6.80 8.90
CA GLU B 8 5.12 7.70 7.99
C GLU B 8 6.43 7.05 7.52
N LYS B 9 7.03 6.24 8.38
CA LYS B 9 8.25 5.54 8.01
C LYS B 9 7.94 4.33 7.14
N ALA B 10 6.72 3.82 7.27
CA ALA B 10 6.25 2.76 6.39
C ALA B 10 6.13 3.23 4.95
N MET B 11 5.48 4.37 4.75
CA MET B 11 5.30 4.94 3.42
C MET B 11 6.64 5.20 2.72
N VAL B 12 7.57 5.80 3.47
CA VAL B 12 8.92 6.06 2.98
C VAL B 12 9.62 4.77 2.54
N ALA B 13 9.41 3.70 3.30
CA ALA B 13 10.08 2.43 3.04
C ALA B 13 9.59 1.84 1.71
N LEU B 14 8.32 2.08 1.40
CA LEU B 14 7.76 1.63 0.14
C LEU B 14 8.47 2.32 -1.02
N ILE B 15 8.71 3.62 -0.86
CA ILE B 15 9.45 4.40 -1.83
C ILE B 15 10.89 3.90 -1.98
N ASP B 16 11.52 3.58 -0.86
CA ASP B 16 12.92 3.18 -0.88
C ASP B 16 13.11 1.82 -1.56
N VAL B 17 12.25 0.87 -1.24
CA VAL B 17 12.36 -0.48 -1.81
C VAL B 17 12.11 -0.45 -3.32
N PHE B 18 11.25 0.46 -3.77
CA PHE B 18 10.97 0.59 -5.19
C PHE B 18 12.23 1.07 -5.90
N HIS B 19 12.82 2.15 -5.37
CA HIS B 19 14.01 2.73 -5.97
C HIS B 19 15.24 1.83 -5.82
N GLN B 20 15.27 1.04 -4.75
CA GLN B 20 16.34 0.06 -4.56
C GLN B 20 16.41 -0.93 -5.70
N TYR B 21 15.26 -1.23 -6.30
CA TYR B 21 15.18 -2.22 -7.36
C TYR B 21 14.92 -1.63 -8.75
N SER B 22 14.17 -0.55 -8.82
CA SER B 22 13.89 0.09 -10.11
C SER B 22 15.10 0.79 -10.73
N GLY B 23 16.08 1.13 -9.90
CA GLY B 23 17.25 1.86 -10.37
C GLY B 23 18.29 0.97 -11.02
N ARG B 24 18.05 -0.33 -11.00
CA ARG B 24 19.06 -1.32 -11.39
C ARG B 24 19.29 -1.37 -12.91
N GLU B 25 18.24 -1.70 -13.66
CA GLU B 25 18.34 -1.82 -15.11
C GLU B 25 17.36 -0.93 -15.86
N GLY B 26 17.84 -0.36 -16.98
CA GLY B 26 17.03 0.45 -17.85
C GLY B 26 16.49 1.68 -17.17
N ASP B 27 15.19 1.94 -17.33
CA ASP B 27 14.59 3.10 -16.70
C ASP B 27 14.75 2.98 -15.18
N LYS B 28 15.44 3.95 -14.58
CA LYS B 28 15.75 3.90 -13.16
C LYS B 28 14.53 4.26 -12.32
N HIS B 29 13.46 4.67 -12.99
CA HIS B 29 12.25 5.12 -12.30
C HIS B 29 11.10 4.12 -12.46
N LYS B 30 11.39 2.99 -13.11
CA LYS B 30 10.40 1.93 -13.32
C LYS B 30 11.00 0.54 -13.10
N LEU B 31 10.14 -0.44 -12.80
CA LEU B 31 10.59 -1.82 -12.68
C LEU B 31 10.25 -2.67 -13.90
N LYS B 32 11.27 -3.07 -14.65
CA LYS B 32 11.11 -4.08 -15.69
C LYS B 32 10.88 -5.44 -15.02
N LYS B 33 10.47 -6.44 -15.80
CA LYS B 33 10.16 -7.75 -15.23
C LYS B 33 11.35 -8.33 -14.46
N SER B 34 12.54 -8.11 -14.99
CA SER B 34 13.78 -8.51 -14.34
C SER B 34 13.84 -8.03 -12.88
N GLU B 35 13.61 -6.74 -12.72
CA GLU B 35 13.72 -6.10 -11.42
C GLU B 35 12.57 -6.46 -10.49
N LEU B 36 11.36 -6.57 -11.05
CA LEU B 36 10.19 -6.99 -10.29
C LEU B 36 10.35 -8.36 -9.63
N LYS B 37 10.85 -9.32 -10.41
CA LYS B 37 11.07 -10.68 -9.92
C LYS B 37 11.99 -10.75 -8.71
N GLU B 38 13.13 -10.06 -8.79
CA GLU B 38 14.09 -10.04 -7.70
C GLU B 38 13.49 -9.38 -6.46
N LEU B 39 12.77 -8.28 -6.66
CA LEU B 39 12.11 -7.56 -5.56
C LEU B 39 11.20 -8.52 -4.79
N ILE B 40 10.27 -9.13 -5.51
CA ILE B 40 9.34 -10.11 -4.93
C ILE B 40 10.09 -11.23 -4.22
N ASN B 41 11.09 -11.79 -4.91
CA ASN B 41 11.82 -12.93 -4.39
C ASN B 41 12.73 -12.58 -3.22
N ASN B 42 13.22 -11.34 -3.19
CA ASN B 42 14.13 -10.95 -2.12
C ASN B 42 13.42 -10.26 -0.97
N GLU B 43 12.35 -9.53 -1.26
CA GLU B 43 11.71 -8.69 -0.24
C GLU B 43 10.32 -9.17 0.18
N LEU B 44 9.70 -10.04 -0.61
CA LEU B 44 8.38 -10.59 -0.26
C LEU B 44 8.40 -12.11 -0.11
N SER B 45 9.52 -12.65 0.36
CA SER B 45 9.71 -14.10 0.44
C SER B 45 8.91 -14.78 1.57
N HIS B 46 8.11 -13.99 2.30
CA HIS B 46 7.25 -14.55 3.34
C HIS B 46 5.76 -14.40 3.02
N PHE B 47 5.46 -13.52 2.08
CA PHE B 47 4.07 -13.22 1.72
C PHE B 47 3.69 -13.86 0.38
N LEU B 48 4.63 -13.88 -0.56
CA LEU B 48 4.38 -14.42 -1.89
C LEU B 48 5.28 -15.61 -2.20
N GLU B 49 4.73 -16.59 -2.93
CA GLU B 49 5.51 -17.76 -3.33
C GLU B 49 6.62 -17.35 -4.28
N GLU B 50 7.80 -17.92 -4.07
CA GLU B 50 8.96 -17.62 -4.90
C GLU B 50 8.65 -17.78 -6.39
N ILE B 51 9.19 -16.88 -7.20
CA ILE B 51 9.05 -16.97 -8.64
C ILE B 51 10.29 -17.56 -9.32
N LYS B 52 10.11 -18.64 -10.08
CA LYS B 52 11.23 -19.27 -10.78
C LYS B 52 10.83 -19.57 -12.21
N GLU B 53 9.54 -19.42 -12.48
CA GLU B 53 8.98 -19.52 -13.82
C GLU B 53 8.71 -18.18 -14.51
N GLN B 54 9.14 -18.09 -15.76
CA GLN B 54 9.01 -16.87 -16.56
C GLN B 54 7.52 -16.62 -16.77
N GLU B 55 6.75 -17.71 -16.86
CA GLU B 55 5.31 -17.63 -17.05
C GLU B 55 4.66 -16.82 -15.92
N VAL B 56 5.14 -17.05 -14.70
CA VAL B 56 4.66 -16.33 -13.52
C VAL B 56 4.90 -14.83 -13.61
N VAL B 57 6.13 -14.48 -13.98
CA VAL B 57 6.55 -13.08 -14.06
C VAL B 57 5.83 -12.35 -15.17
N ASP B 58 5.53 -13.07 -16.25
CA ASP B 58 4.72 -12.52 -17.33
C ASP B 58 3.35 -12.12 -16.82
N LYS B 59 2.75 -13.01 -16.02
CA LYS B 59 1.39 -12.84 -15.54
C LYS B 59 1.27 -11.77 -14.46
N VAL B 60 2.24 -11.74 -13.53
CA VAL B 60 2.25 -10.72 -12.49
C VAL B 60 2.39 -9.32 -13.08
N MET B 61 3.32 -9.15 -14.01
CA MET B 61 3.52 -7.87 -14.65
C MET B 61 2.27 -7.46 -15.44
N GLU B 62 1.63 -8.44 -16.08
CA GLU B 62 0.42 -8.18 -16.83
C GLU B 62 -0.69 -7.62 -15.94
N THR B 63 -0.84 -8.20 -14.76
CA THR B 63 -1.87 -7.74 -13.84
C THR B 63 -1.47 -6.38 -13.26
N LEU B 64 -0.17 -6.19 -13.06
CA LEU B 64 0.32 -4.95 -12.47
C LEU B 64 0.37 -3.78 -13.44
N ASP B 65 0.62 -4.08 -14.71
CA ASP B 65 0.84 -3.04 -15.72
C ASP B 65 -0.50 -2.53 -16.26
N ASN B 66 -0.88 -1.32 -15.89
CA ASN B 66 -2.18 -0.79 -16.30
C ASN B 66 -2.05 0.22 -17.43
N ASP B 67 -0.86 0.80 -17.57
CA ASP B 67 -0.60 1.77 -18.62
C ASP B 67 0.00 1.12 -19.88
N GLY B 68 0.28 -0.18 -19.81
CA GLY B 68 0.72 -0.90 -20.99
C GLY B 68 2.08 -0.48 -21.54
N ASP B 69 3.08 -0.38 -20.65
CA ASP B 69 4.44 -0.04 -21.09
C ASP B 69 5.47 -1.14 -20.84
N GLY B 70 4.99 -2.26 -20.31
CA GLY B 70 5.80 -3.44 -20.07
C GLY B 70 6.67 -3.31 -18.85
N GLU B 71 6.38 -2.32 -18.01
CA GLU B 71 7.15 -2.09 -16.79
C GLU B 71 6.25 -1.61 -15.66
N CYS B 72 6.75 -1.66 -14.45
CA CYS B 72 5.95 -1.26 -13.29
C CYS B 72 6.46 0.08 -12.74
N ASP B 73 5.69 1.15 -12.91
CA ASP B 73 6.09 2.42 -12.31
C ASP B 73 5.63 2.45 -10.86
N PHE B 74 5.88 3.55 -10.16
CA PHE B 74 5.61 3.59 -8.71
C PHE B 74 4.10 3.50 -8.43
N GLN B 75 3.31 4.19 -9.24
CA GLN B 75 1.86 4.19 -9.07
C GLN B 75 1.29 2.78 -9.18
N GLU B 76 1.75 2.04 -10.18
CA GLU B 76 1.32 0.66 -10.40
C GLU B 76 1.81 -0.25 -9.28
N PHE B 77 2.99 0.06 -8.76
CA PHE B 77 3.58 -0.66 -7.63
C PHE B 77 2.83 -0.46 -6.32
N MET B 78 2.32 0.75 -6.07
CA MET B 78 1.53 1.01 -4.87
C MET B 78 0.24 0.19 -4.86
N ALA B 79 -0.37 0.05 -6.04
CA ALA B 79 -1.54 -0.79 -6.20
C ALA B 79 -1.20 -2.23 -5.80
N PHE B 80 -0.04 -2.69 -6.23
CA PHE B 80 0.45 -4.02 -5.89
C PHE B 80 0.61 -4.20 -4.39
N VAL B 81 1.26 -3.24 -3.74
CA VAL B 81 1.40 -3.24 -2.29
C VAL B 81 0.04 -3.29 -1.62
N ALA B 82 -0.91 -2.50 -2.13
CA ALA B 82 -2.28 -2.50 -1.64
C ALA B 82 -2.90 -3.90 -1.71
N MET B 83 -2.68 -4.58 -2.84
CA MET B 83 -3.28 -5.89 -3.08
C MET B 83 -2.74 -6.91 -2.09
N VAL B 84 -1.42 -6.97 -2.01
CA VAL B 84 -0.71 -7.88 -1.10
C VAL B 84 -1.05 -7.62 0.36
N THR B 85 -1.06 -6.34 0.75
CA THR B 85 -1.33 -5.95 2.13
C THR B 85 -2.73 -6.37 2.57
N THR B 86 -3.71 -6.12 1.70
CA THR B 86 -5.11 -6.48 1.96
C THR B 86 -5.23 -7.97 2.26
N ALA B 87 -4.57 -8.78 1.45
CA ALA B 87 -4.56 -10.25 1.58
C ALA B 87 -4.00 -10.72 2.92
N CYS B 88 -2.93 -10.06 3.36
CA CYS B 88 -2.26 -10.33 4.63
C CYS B 88 -3.15 -10.00 5.84
N HIS B 89 -4.00 -9.00 5.68
CA HIS B 89 -4.92 -8.58 6.74
C HIS B 89 -5.94 -9.67 7.05
N GLU B 90 -6.57 -10.22 6.02
CA GLU B 90 -7.60 -11.25 6.22
C GLU B 90 -7.08 -12.48 6.97
N PHE B 91 -5.81 -12.84 6.75
CA PHE B 91 -5.23 -13.97 7.46
C PHE B 91 -4.51 -13.51 8.73
N PHE B 92 -5.02 -12.46 9.35
CA PHE B 92 -4.46 -11.96 10.60
C PHE B 92 -5.56 -11.41 11.52
N ALA C 17 1.87 -17.82 5.90
CA ALA C 17 2.27 -18.55 4.71
C ALA C 17 1.15 -19.44 4.20
N MET C 18 0.80 -19.34 2.92
CA MET C 18 1.42 -18.38 2.00
C MET C 18 0.39 -17.98 0.94
N ALA C 19 0.69 -16.92 0.19
CA ALA C 19 -0.21 -16.48 -0.87
C ALA C 19 0.29 -16.92 -2.23
N ALA C 20 -0.43 -16.51 -3.27
CA ALA C 20 -0.07 -16.83 -4.65
C ALA C 20 -0.76 -15.85 -5.59
N THR C 21 -0.59 -16.04 -6.90
CA THR C 21 -1.33 -15.24 -7.87
C THR C 21 -2.79 -15.66 -7.81
N TYR C 22 -3.01 -16.84 -7.24
CA TYR C 22 -4.33 -17.29 -6.84
C TYR C 22 -5.07 -16.21 -6.04
N SER C 23 -4.52 -15.92 -4.86
CA SER C 23 -5.08 -14.94 -3.93
C SER C 23 -4.82 -13.50 -4.37
N ALA C 24 -3.74 -13.30 -5.13
CA ALA C 24 -3.40 -11.98 -5.62
C ALA C 24 -4.43 -11.53 -6.64
N LEU C 25 -4.75 -12.38 -7.60
CA LEU C 25 -5.78 -12.08 -8.59
C LEU C 25 -7.15 -11.97 -7.94
N ASN C 26 -7.30 -12.65 -6.79
CA ASN C 26 -8.56 -12.66 -6.05
C ASN C 26 -8.92 -11.31 -5.43
N SER C 27 -7.95 -10.41 -5.33
CA SER C 27 -8.20 -9.09 -4.76
C SER C 27 -7.78 -7.98 -5.71
N SER C 28 -7.95 -8.22 -7.01
CA SER C 28 -7.71 -7.20 -8.02
C SER C 28 -9.04 -6.60 -8.48
N LYS C 29 -10.09 -7.42 -8.40
CA LYS C 29 -11.44 -7.01 -8.78
C LYS C 29 -12.30 -6.49 -7.59
N PRO C 30 -12.19 -7.11 -6.39
CA PRO C 30 -12.89 -6.53 -5.24
C PRO C 30 -12.64 -5.04 -5.06
N THR C 31 -11.50 -4.56 -5.55
CA THR C 31 -11.24 -3.13 -5.63
C THR C 31 -10.22 -2.79 -6.70
N PRO C 32 -10.63 -1.96 -7.66
CA PRO C 32 -9.62 -1.19 -8.39
C PRO C 32 -9.11 -0.09 -7.48
N GLN C 33 -8.89 1.10 -8.01
CA GLN C 33 -8.52 2.22 -7.14
C GLN C 33 -9.17 3.51 -7.57
N LEU C 34 -9.88 4.16 -6.65
CA LEU C 34 -10.32 5.53 -6.85
C LEU C 34 -9.09 6.42 -6.61
N LYS C 35 -8.10 6.27 -7.48
CA LYS C 35 -6.79 6.88 -7.29
C LYS C 35 -6.88 8.40 -7.16
CA CA D . -13.99 1.91 15.01
CA CA E . -16.61 2.23 3.40
CA CA F . 14.43 -0.23 -13.98
CA CA G . 3.73 0.64 -16.42
#